data_7KL8
#
_entry.id   7KL8
#
_cell.length_a   169.544
_cell.length_b   169.544
_cell.length_c   169.544
_cell.angle_alpha   90.00
_cell.angle_beta   90.00
_cell.angle_gamma   90.00
#
_symmetry.space_group_name_H-M   'P 43 3 2'
#
loop_
_entity.id
_entity.type
_entity.pdbx_description
1 polymer 'Deazaflavin-dependent nitroreductase'
2 non-polymer 'COENZYME F420-3'
3 non-polymer 'SULFATE ION'
4 non-polymer 'COENZYME F420'
5 water water
#
_entity_poly.entity_id   1
_entity_poly.type   'polypeptide(L)'
_entity_poly.pdbx_seq_one_letter_code
;EYAPSPLDWSREQADTYMKSGGTEGTQLQGKPVILLTTVGAKTGKLRKTPLMRVEHDGQYAIVASLGGAPKNPVWYHNVV
KNPRVELQDGTVTGDYDAREVFGDEKAIWWQRAVAVWPDYASYQTKTDRQIPVFVLTPVR
;
_entity_poly.pdbx_strand_id   A,B
#
# COMPACT_ATOMS: atom_id res chain seq x y z
N GLU A 1 -28.24 18.65 -8.99
CA GLU A 1 -27.11 17.95 -8.33
C GLU A 1 -25.90 17.93 -9.29
N TYR A 2 -24.80 18.58 -8.86
CA TYR A 2 -23.55 18.69 -9.64
C TYR A 2 -22.51 17.77 -9.05
N ALA A 3 -22.89 16.55 -8.70
CA ALA A 3 -21.95 15.59 -8.13
C ALA A 3 -21.00 15.03 -9.20
N PRO A 4 -19.75 14.66 -8.84
CA PRO A 4 -18.83 14.07 -9.80
C PRO A 4 -19.24 12.62 -9.99
N SER A 5 -18.85 12.01 -11.11
CA SER A 5 -19.18 10.61 -11.35
C SER A 5 -18.53 9.71 -10.30
N PRO A 6 -19.25 8.68 -9.81
CA PRO A 6 -18.77 7.86 -8.69
C PRO A 6 -17.34 7.34 -8.82
N LEU A 7 -16.94 6.95 -10.04
CA LEU A 7 -15.56 6.54 -10.31
C LEU A 7 -14.55 7.66 -10.04
N ASP A 8 -14.82 8.84 -10.64
CA ASP A 8 -13.94 10.00 -10.54
C ASP A 8 -13.79 10.44 -9.07
N TRP A 9 -14.89 10.37 -8.32
CA TRP A 9 -14.89 10.77 -6.92
C TRP A 9 -14.04 9.83 -6.11
N SER A 10 -14.24 8.54 -6.32
CA SER A 10 -13.48 7.50 -5.64
C SER A 10 -11.98 7.67 -5.86
N ARG A 11 -11.56 7.80 -7.12
CA ARG A 11 -10.16 8.08 -7.48
C ARG A 11 -9.62 9.31 -6.75
N GLU A 12 -10.39 10.39 -6.77
CA GLU A 12 -9.98 11.65 -6.17
C GLU A 12 -9.84 11.56 -4.66
N GLN A 13 -10.79 10.88 -4.00
CA GLN A 13 -10.73 10.73 -2.57
C GLN A 13 -9.49 9.92 -2.20
N ALA A 14 -9.29 8.79 -2.88
CA ALA A 14 -8.10 7.96 -2.70
C ALA A 14 -6.82 8.77 -2.86
N ASP A 15 -6.81 9.64 -3.86
CA ASP A 15 -5.64 10.43 -4.17
C ASP A 15 -5.33 11.43 -3.08
N THR A 16 -6.36 12.12 -2.61
CA THR A 16 -6.25 13.06 -1.52
C THR A 16 -5.72 12.34 -0.26
N TYR A 17 -6.29 11.16 0.02
CA TYR A 17 -5.88 10.35 1.15
C TYR A 17 -4.37 10.06 1.11
N MET A 18 -3.88 9.67 -0.07
CA MET A 18 -2.48 9.32 -0.28
C MET A 18 -1.53 10.51 -0.24
N LYS A 19 -1.88 11.58 -0.95
CA LYS A 19 -1.06 12.80 -1.02
C LYS A 19 -0.87 13.42 0.36
N SER A 20 -1.95 13.39 1.17
CA SER A 20 -2.02 14.07 2.47
C SER A 20 -1.50 13.25 3.66
N GLY A 21 -1.14 11.98 3.41
CA GLY A 21 -0.66 11.10 4.45
C GLY A 21 -1.74 10.83 5.50
N GLY A 22 -2.98 10.70 5.02
CA GLY A 22 -4.14 10.47 5.85
C GLY A 22 -4.67 11.64 6.66
N THR A 23 -4.24 12.87 6.33
CA THR A 23 -4.74 14.06 7.03
C THR A 23 -5.94 14.72 6.35
N GLU A 24 -6.16 14.42 5.07
CA GLU A 24 -7.28 14.98 4.29
C GLU A 24 -7.96 13.86 3.53
N GLY A 25 -9.25 14.06 3.22
CA GLY A 25 -10.03 13.12 2.44
C GLY A 25 -10.53 11.92 3.22
N THR A 26 -10.55 12.04 4.56
CA THR A 26 -10.91 10.95 5.47
C THR A 26 -12.37 10.97 5.91
N GLN A 27 -13.19 11.77 5.22
CA GLN A 27 -14.58 12.01 5.62
C GLN A 27 -15.48 11.99 4.39
N LEU A 28 -16.72 11.53 4.58
CA LEU A 28 -17.77 11.63 3.58
C LEU A 28 -19.06 11.92 4.33
N GLN A 29 -19.56 13.14 4.16
CA GLN A 29 -20.75 13.65 4.85
C GLN A 29 -20.62 13.49 6.35
N GLY A 30 -19.48 13.93 6.88
CA GLY A 30 -19.19 13.88 8.30
C GLY A 30 -18.96 12.50 8.91
N LYS A 31 -18.87 11.47 8.07
CA LYS A 31 -18.65 10.09 8.53
C LYS A 31 -17.28 9.58 8.10
N PRO A 32 -16.55 8.84 8.96
CA PRO A 32 -15.16 8.47 8.68
C PRO A 32 -14.98 7.47 7.53
N VAL A 33 -13.83 7.54 6.87
CA VAL A 33 -13.52 6.77 5.67
C VAL A 33 -12.11 6.21 5.78
N ILE A 34 -11.96 4.95 5.43
CA ILE A 34 -10.66 4.28 5.41
C ILE A 34 -10.26 4.04 3.96
N LEU A 35 -8.97 3.72 3.77
CA LEU A 35 -8.43 3.44 2.44
C LEU A 35 -7.89 2.01 2.42
N LEU A 36 -8.51 1.17 1.60
CA LEU A 36 -8.15 -0.23 1.47
C LEU A 36 -7.22 -0.43 0.30
N THR A 37 -6.16 -1.22 0.53
CA THR A 37 -5.23 -1.62 -0.51
C THR A 37 -5.43 -3.09 -0.77
N THR A 38 -5.70 -3.44 -2.03
CA THR A 38 -5.86 -4.82 -2.42
C THR A 38 -4.98 -5.13 -3.59
N VAL A 39 -4.70 -6.41 -3.77
CA VAL A 39 -3.98 -6.94 -4.89
C VAL A 39 -4.99 -7.46 -5.89
N GLY A 40 -4.92 -6.92 -7.11
CA GLY A 40 -5.75 -7.36 -8.24
C GLY A 40 -5.75 -8.87 -8.44
N ALA A 41 -6.96 -9.44 -8.47
CA ALA A 41 -7.15 -10.88 -8.58
C ALA A 41 -6.42 -11.46 -9.82
N LYS A 42 -6.51 -10.73 -10.93
CA LYS A 42 -5.96 -11.13 -12.24
C LYS A 42 -4.64 -10.50 -12.63
N THR A 43 -4.51 -9.19 -12.39
CA THR A 43 -3.35 -8.38 -12.80
C THR A 43 -2.20 -8.36 -11.81
N GLY A 44 -2.52 -8.50 -10.53
CA GLY A 44 -1.54 -8.39 -9.46
C GLY A 44 -1.19 -6.96 -9.13
N LYS A 45 -1.93 -5.97 -9.66
CA LYS A 45 -1.69 -4.57 -9.38
C LYS A 45 -2.36 -4.12 -8.08
N LEU A 46 -1.76 -3.10 -7.46
CA LEU A 46 -2.29 -2.51 -6.26
C LEU A 46 -3.51 -1.67 -6.59
N ARG A 47 -4.58 -1.84 -5.81
CA ARG A 47 -5.77 -1.04 -5.96
C ARG A 47 -6.06 -0.40 -4.64
N LYS A 48 -6.46 0.86 -4.70
CA LYS A 48 -6.75 1.70 -3.54
C LYS A 48 -8.24 1.98 -3.63
N THR A 49 -8.95 1.77 -2.52
CA THR A 49 -10.40 1.83 -2.50
C THR A 49 -10.84 2.50 -1.20
N PRO A 50 -11.41 3.72 -1.27
CA PRO A 50 -12.01 4.35 -0.10
C PRO A 50 -13.29 3.62 0.25
N LEU A 51 -13.48 3.34 1.54
CA LEU A 51 -14.64 2.63 2.09
C LEU A 51 -15.00 3.25 3.40
N MET A 52 -16.23 3.01 3.86
CA MET A 52 -16.66 3.53 5.14
C MET A 52 -15.92 2.80 6.24
N ARG A 53 -15.56 3.55 7.29
CA ARG A 53 -14.89 3.03 8.46
C ARG A 53 -15.87 2.39 9.45
N VAL A 54 -15.69 1.09 9.67
CA VAL A 54 -16.46 0.29 10.61
C VAL A 54 -15.43 -0.48 11.40
N GLU A 55 -15.33 -0.16 12.69
CA GLU A 55 -14.22 -0.61 13.54
C GLU A 55 -14.73 -1.08 14.90
N HIS A 56 -14.08 -2.10 15.46
CA HIS A 56 -14.35 -2.55 16.80
C HIS A 56 -13.14 -3.25 17.36
N ASP A 57 -12.57 -2.69 18.43
CA ASP A 57 -11.42 -3.24 19.16
C ASP A 57 -10.27 -3.68 18.25
N GLY A 58 -9.91 -2.83 17.29
CA GLY A 58 -8.77 -3.05 16.42
C GLY A 58 -9.02 -3.85 15.14
N GLN A 59 -10.18 -4.48 15.05
CA GLN A 59 -10.68 -5.10 13.83
C GLN A 59 -11.57 -4.15 13.04
N TYR A 60 -11.55 -4.28 11.71
CA TYR A 60 -12.42 -3.50 10.84
C TYR A 60 -13.33 -4.41 10.07
N ALA A 61 -14.45 -3.84 9.62
CA ALA A 61 -15.35 -4.46 8.68
C ALA A 61 -15.41 -3.56 7.47
N ILE A 62 -15.53 -4.17 6.28
CA ILE A 62 -15.74 -3.45 5.04
C ILE A 62 -16.93 -4.08 4.33
N VAL A 63 -17.73 -3.24 3.67
CA VAL A 63 -18.99 -3.61 3.05
C VAL A 63 -18.92 -3.39 1.53
N ALA A 64 -19.24 -4.43 0.74
CA ALA A 64 -19.15 -4.36 -0.71
C ALA A 64 -20.49 -4.05 -1.39
N SER A 65 -20.75 -2.75 -1.55
CA SER A 65 -21.95 -2.27 -2.25
C SER A 65 -21.84 -0.89 -2.89
N LEU A 66 -22.04 -0.82 -4.21
CA LEU A 66 -22.23 0.44 -4.94
C LEU A 66 -23.74 0.68 -5.01
N GLY A 67 -24.28 1.45 -4.05
CA GLY A 67 -25.71 1.67 -3.97
C GLY A 67 -26.37 0.35 -3.64
N GLY A 68 -27.48 0.01 -4.29
CA GLY A 68 -28.08 -1.30 -4.17
C GLY A 68 -28.02 -2.10 -5.46
N ALA A 69 -26.99 -1.86 -6.29
CA ALA A 69 -26.90 -2.35 -7.66
C ALA A 69 -26.72 -3.87 -7.74
N PRO A 70 -26.93 -4.49 -8.92
CA PRO A 70 -27.02 -5.95 -9.02
C PRO A 70 -25.71 -6.70 -8.74
N LYS A 71 -24.57 -6.09 -9.15
CA LYS A 71 -23.27 -6.74 -9.11
C LYS A 71 -22.34 -6.12 -8.05
N ASN A 72 -21.53 -6.98 -7.43
CA ASN A 72 -20.57 -6.56 -6.42
C ASN A 72 -19.50 -5.66 -7.04
N PRO A 73 -18.94 -4.72 -6.25
CA PRO A 73 -17.77 -3.98 -6.71
C PRO A 73 -16.65 -4.97 -7.04
N VAL A 74 -15.79 -4.61 -8.01
CA VAL A 74 -14.74 -5.48 -8.50
C VAL A 74 -13.69 -5.77 -7.41
N TRP A 75 -13.50 -4.84 -6.47
CA TRP A 75 -12.55 -5.08 -5.38
C TRP A 75 -12.92 -6.29 -4.52
N TYR A 76 -14.22 -6.63 -4.49
CA TYR A 76 -14.69 -7.81 -3.77
C TYR A 76 -13.88 -9.04 -4.21
N HIS A 77 -13.64 -9.18 -5.52
CA HIS A 77 -12.91 -10.34 -6.04
C HIS A 77 -11.44 -10.33 -5.69
N ASN A 78 -10.88 -9.14 -5.47
CA ASN A 78 -9.48 -9.03 -5.07
C ASN A 78 -9.28 -9.57 -3.67
N VAL A 79 -10.20 -9.21 -2.77
CA VAL A 79 -10.13 -9.64 -1.38
C VAL A 79 -10.33 -11.16 -1.24
N VAL A 80 -11.26 -11.71 -2.01
CA VAL A 80 -11.49 -13.15 -2.04
C VAL A 80 -10.23 -13.87 -2.50
N LYS A 81 -9.61 -13.42 -3.58
CA LYS A 81 -8.42 -14.07 -4.11
C LYS A 81 -7.18 -13.83 -3.25
N ASN A 82 -7.05 -12.61 -2.72
CA ASN A 82 -5.86 -12.14 -2.00
C ASN A 82 -6.26 -11.51 -0.67
N PRO A 83 -6.50 -12.34 0.37
CA PRO A 83 -7.07 -11.85 1.62
C PRO A 83 -6.14 -10.99 2.47
N ARG A 84 -4.84 -10.97 2.15
CA ARG A 84 -3.92 -10.05 2.81
C ARG A 84 -4.08 -8.66 2.18
N VAL A 85 -4.55 -7.71 2.98
CA VAL A 85 -4.81 -6.35 2.56
C VAL A 85 -4.14 -5.34 3.50
N GLU A 86 -4.21 -4.07 3.11
CA GLU A 86 -3.81 -2.97 3.95
C GLU A 86 -4.98 -2.04 4.13
N LEU A 87 -5.08 -1.47 5.33
CA LEU A 87 -6.14 -0.56 5.64
C LEU A 87 -5.49 0.64 6.28
N GLN A 88 -5.80 1.82 5.75
CA GLN A 88 -5.34 3.07 6.30
C GLN A 88 -6.54 3.79 6.93
N ASP A 89 -6.39 4.09 8.23
CA ASP A 89 -7.39 4.81 9.02
C ASP A 89 -6.72 6.09 9.48
N GLY A 90 -6.97 7.20 8.76
CA GLY A 90 -6.32 8.47 8.99
C GLY A 90 -4.84 8.29 8.70
N THR A 91 -3.99 8.75 9.64
CA THR A 91 -2.53 8.63 9.50
C THR A 91 -1.97 7.23 9.72
N VAL A 92 -2.80 6.31 10.23
CA VAL A 92 -2.36 4.97 10.62
C VAL A 92 -2.63 3.97 9.49
N THR A 93 -1.59 3.24 9.08
CA THR A 93 -1.69 2.17 8.10
C THR A 93 -1.22 0.87 8.74
N GLY A 94 -1.98 -0.22 8.49
CA GLY A 94 -1.64 -1.53 9.01
C GLY A 94 -1.98 -2.63 8.02
N ASP A 95 -1.41 -3.82 8.26
CA ASP A 95 -1.69 -5.02 7.49
C ASP A 95 -2.79 -5.83 8.19
N TYR A 96 -3.70 -6.41 7.39
CA TYR A 96 -4.83 -7.17 7.88
C TYR A 96 -5.10 -8.40 7.00
N ASP A 97 -5.65 -9.45 7.61
CA ASP A 97 -6.20 -10.61 6.89
C ASP A 97 -7.71 -10.47 6.87
N ALA A 98 -8.30 -10.66 5.69
CA ALA A 98 -9.74 -10.47 5.46
C ALA A 98 -10.43 -11.80 5.27
N ARG A 99 -11.62 -11.93 5.86
CA ARG A 99 -12.44 -13.10 5.75
C ARG A 99 -13.86 -12.63 5.59
N GLU A 100 -14.56 -13.19 4.60
CA GLU A 100 -15.96 -12.87 4.38
C GLU A 100 -16.77 -13.57 5.48
N VAL A 101 -17.75 -12.86 6.05
CA VAL A 101 -18.57 -13.38 7.13
C VAL A 101 -20.02 -13.53 6.72
N PHE A 102 -20.73 -14.43 7.41
CA PHE A 102 -22.10 -14.77 7.08
C PHE A 102 -22.93 -14.95 8.34
N GLY A 103 -24.23 -15.16 8.16
CA GLY A 103 -25.14 -15.44 9.25
C GLY A 103 -25.02 -14.49 10.43
N ASP A 104 -25.00 -15.08 11.64
CA ASP A 104 -25.00 -14.37 12.91
C ASP A 104 -23.79 -13.46 13.08
N GLU A 105 -22.61 -13.96 12.67
CA GLU A 105 -21.39 -13.19 12.76
C GLU A 105 -21.45 -11.92 11.89
N LYS A 106 -22.04 -12.06 10.69
CA LYS A 106 -22.23 -10.94 9.78
C LYS A 106 -23.18 -9.91 10.38
N ALA A 107 -24.31 -10.39 10.92
CA ALA A 107 -25.35 -9.52 11.47
C ALA A 107 -24.80 -8.57 12.54
N ILE A 108 -23.80 -9.05 13.30
CA ILE A 108 -23.13 -8.23 14.32
C ILE A 108 -22.43 -7.03 13.68
N TRP A 109 -21.58 -7.32 12.70
CA TRP A 109 -20.84 -6.28 11.98
C TRP A 109 -21.75 -5.39 11.12
N TRP A 110 -22.81 -6.00 10.55
CA TRP A 110 -23.78 -5.26 9.77
C TRP A 110 -24.45 -4.16 10.61
N GLN A 111 -24.77 -4.48 11.87
CA GLN A 111 -25.31 -3.50 12.80
C GLN A 111 -24.33 -2.32 13.05
N ARG A 112 -23.05 -2.66 13.28
CA ARG A 112 -22.01 -1.65 13.50
C ARG A 112 -21.82 -0.73 12.30
N ALA A 113 -21.94 -1.31 11.10
CA ALA A 113 -21.81 -0.60 9.83
C ALA A 113 -22.96 0.36 9.58
N VAL A 114 -24.18 -0.10 9.87
CA VAL A 114 -25.39 0.71 9.70
C VAL A 114 -25.37 1.91 10.67
N ALA A 115 -24.82 1.70 11.87
CA ALA A 115 -24.64 2.76 12.85
C ALA A 115 -23.77 3.91 12.28
N VAL A 116 -22.73 3.55 11.52
CA VAL A 116 -21.86 4.52 10.87
C VAL A 116 -22.49 5.12 9.60
N TRP A 117 -23.17 4.28 8.81
CA TRP A 117 -23.67 4.66 7.49
C TRP A 117 -25.07 4.08 7.24
N PRO A 118 -26.14 4.75 7.71
CA PRO A 118 -27.49 4.17 7.67
C PRO A 118 -27.98 3.72 6.30
N ASP A 119 -27.51 4.39 5.24
CA ASP A 119 -27.85 4.06 3.86
C ASP A 119 -27.60 2.58 3.47
N TYR A 120 -26.62 1.94 4.13
CA TYR A 120 -26.37 0.51 3.91
C TYR A 120 -27.67 -0.32 3.99
N ALA A 121 -28.51 -0.02 4.99
CA ALA A 121 -29.78 -0.72 5.19
C ALA A 121 -30.66 -0.60 3.95
N SER A 122 -30.73 0.62 3.40
CA SER A 122 -31.54 0.92 2.22
C SER A 122 -30.99 0.21 1.00
N TYR A 123 -29.66 0.18 0.88
CA TYR A 123 -29.00 -0.53 -0.21
C TYR A 123 -29.45 -2.00 -0.26
N GLN A 124 -29.52 -2.65 0.91
CA GLN A 124 -29.87 -4.07 1.00
C GLN A 124 -31.31 -4.36 0.62
N THR A 125 -32.22 -3.41 0.88
CA THR A 125 -33.63 -3.57 0.48
C THR A 125 -33.85 -3.38 -1.03
N LYS A 126 -32.85 -2.84 -1.74
CA LYS A 126 -32.92 -2.65 -3.19
C LYS A 126 -32.52 -3.90 -4.01
N THR A 127 -32.13 -4.98 -3.33
CA THR A 127 -31.57 -6.17 -4.00
C THR A 127 -31.74 -7.46 -3.18
N ASP A 128 -32.01 -8.58 -3.87
CA ASP A 128 -32.09 -9.91 -3.26
C ASP A 128 -30.70 -10.50 -2.95
N ARG A 129 -29.68 -10.02 -3.67
CA ARG A 129 -28.30 -10.42 -3.43
C ARG A 129 -27.84 -9.89 -2.09
N GLN A 130 -27.25 -10.77 -1.29
CA GLN A 130 -26.78 -10.44 0.05
C GLN A 130 -25.48 -9.65 -0.03
N ILE A 131 -25.51 -8.41 0.48
CA ILE A 131 -24.38 -7.50 0.42
C ILE A 131 -23.22 -8.09 1.21
N PRO A 132 -22.07 -8.42 0.57
CA PRO A 132 -20.92 -8.95 1.29
C PRO A 132 -20.33 -8.02 2.33
N VAL A 133 -19.78 -8.63 3.39
CA VAL A 133 -19.07 -7.96 4.46
C VAL A 133 -17.86 -8.82 4.77
N PHE A 134 -16.69 -8.18 4.89
CA PHE A 134 -15.46 -8.84 5.31
C PHE A 134 -15.05 -8.27 6.65
N VAL A 135 -14.45 -9.13 7.48
CA VAL A 135 -13.86 -8.73 8.73
C VAL A 135 -12.36 -8.82 8.58
N LEU A 136 -11.68 -7.74 8.99
CA LEU A 136 -10.25 -7.59 8.83
C LEU A 136 -9.61 -7.68 10.20
N THR A 137 -8.62 -8.57 10.31
CA THR A 137 -7.95 -8.87 11.55
C THR A 137 -6.49 -8.48 11.42
N PRO A 138 -5.93 -7.69 12.37
CA PRO A 138 -4.54 -7.26 12.25
C PRO A 138 -3.63 -8.46 12.24
N VAL A 139 -2.52 -8.38 11.50
CA VAL A 139 -1.47 -9.38 11.51
C VAL A 139 -0.11 -8.70 11.61
N ARG A 140 0.82 -9.33 12.35
CA ARG A 140 2.23 -8.89 12.56
C ARG A 140 2.51 -8.01 13.82
N GLU B 1 26.30 -9.73 19.91
CA GLU B 1 25.59 -10.90 20.52
C GLU B 1 24.40 -10.39 21.36
N TYR B 2 23.19 -10.75 20.90
CA TYR B 2 21.89 -10.35 21.45
C TYR B 2 21.32 -9.03 20.84
N ALA B 3 22.12 -8.33 20.04
CA ALA B 3 21.63 -7.17 19.30
C ALA B 3 20.73 -7.57 18.13
N PRO B 4 19.77 -6.71 17.71
CA PRO B 4 18.97 -6.95 16.51
C PRO B 4 19.79 -7.07 15.23
N SER B 5 19.27 -7.84 14.27
CA SER B 5 19.92 -8.07 12.99
C SER B 5 19.53 -6.91 12.09
N PRO B 6 20.36 -6.55 11.07
CA PRO B 6 19.95 -5.59 10.03
C PRO B 6 18.54 -5.78 9.47
N LEU B 7 18.10 -7.03 9.34
CA LEU B 7 16.72 -7.31 8.91
C LEU B 7 15.68 -6.84 9.97
N ASP B 8 15.94 -7.07 11.26
CA ASP B 8 15.12 -6.58 12.36
C ASP B 8 14.95 -5.05 12.34
N TRP B 9 16.04 -4.33 12.05
CA TRP B 9 16.00 -2.87 11.94
C TRP B 9 15.09 -2.45 10.80
N SER B 10 15.27 -3.08 9.64
CA SER B 10 14.47 -2.80 8.46
C SER B 10 12.96 -3.00 8.75
N ARG B 11 12.59 -4.15 9.34
CA ARG B 11 11.20 -4.41 9.77
C ARG B 11 10.66 -3.31 10.69
N GLU B 12 11.47 -2.93 11.68
CA GLU B 12 11.11 -1.91 12.65
C GLU B 12 10.91 -0.52 12.03
N GLN B 13 11.82 -0.15 11.12
CA GLN B 13 11.74 1.11 10.44
C GLN B 13 10.45 1.16 9.60
N ALA B 14 10.20 0.10 8.83
CA ALA B 14 8.96 -0.03 8.06
C ALA B 14 7.71 0.16 8.93
N ASP B 15 7.76 -0.45 10.12
CA ASP B 15 6.63 -0.40 11.01
C ASP B 15 6.38 1.01 11.53
N THR B 16 7.46 1.67 11.95
CA THR B 16 7.42 3.04 12.40
C THR B 16 6.88 3.96 11.28
N TYR B 17 7.34 3.73 10.05
CA TYR B 17 6.92 4.50 8.89
C TYR B 17 5.39 4.42 8.73
N MET B 18 4.85 3.20 8.85
CA MET B 18 3.42 2.95 8.70
C MET B 18 2.58 3.49 9.86
N LYS B 19 3.00 3.25 11.09
CA LYS B 19 2.27 3.71 12.29
C LYS B 19 2.16 5.23 12.32
N SER B 20 3.26 5.90 11.91
CA SER B 20 3.42 7.35 12.02
C SER B 20 2.85 8.16 10.86
N GLY B 21 2.38 7.49 9.81
CA GLY B 21 1.87 8.18 8.63
C GLY B 21 2.95 9.01 7.94
N GLY B 22 4.16 8.44 7.90
CA GLY B 22 5.30 9.04 7.28
C GLY B 22 5.98 10.16 8.04
N THR B 23 5.66 10.34 9.32
CA THR B 23 6.26 11.40 10.12
C THR B 23 7.48 10.95 10.93
N GLU B 24 7.66 9.63 11.11
CA GLU B 24 8.78 9.07 11.84
C GLU B 24 9.37 7.91 11.06
N GLY B 25 10.65 7.63 11.28
CA GLY B 25 11.34 6.53 10.65
C GLY B 25 11.76 6.80 9.22
N THR B 26 11.83 8.08 8.83
CA THR B 26 12.07 8.49 7.45
C THR B 26 13.54 8.85 7.15
N GLN B 27 14.44 8.50 8.09
CA GLN B 27 15.84 8.91 8.02
C GLN B 27 16.74 7.75 8.37
N LEU B 28 17.93 7.72 7.77
CA LEU B 28 19.00 6.80 8.15
C LEU B 28 20.29 7.56 8.01
N GLN B 29 20.92 7.84 9.16
CA GLN B 29 22.17 8.61 9.23
C GLN B 29 22.00 9.96 8.56
N GLY B 30 20.89 10.63 8.90
CA GLY B 30 20.54 11.93 8.36
C GLY B 30 20.22 12.02 6.88
N LYS B 31 20.04 10.87 6.21
CA LYS B 31 19.69 10.81 4.80
C LYS B 31 18.27 10.27 4.61
N PRO B 32 17.48 10.82 3.66
CA PRO B 32 16.07 10.46 3.52
C PRO B 32 15.82 9.01 3.04
N VAL B 33 14.68 8.46 3.48
CA VAL B 33 14.33 7.08 3.24
C VAL B 33 12.87 7.00 2.82
N ILE B 34 12.61 6.20 1.80
CA ILE B 34 11.26 5.97 1.30
C ILE B 34 10.83 4.58 1.70
N LEU B 35 9.52 4.34 1.64
CA LEU B 35 8.92 3.05 1.95
C LEU B 35 8.25 2.49 0.70
N LEU B 36 8.79 1.37 0.21
CA LEU B 36 8.29 0.70 -0.96
C LEU B 36 7.32 -0.41 -0.56
N THR B 37 6.19 -0.47 -1.28
CA THR B 37 5.24 -1.56 -1.15
C THR B 37 5.29 -2.36 -2.43
N THR B 38 5.53 -3.66 -2.30
CA THR B 38 5.53 -4.55 -3.44
C THR B 38 4.62 -5.70 -3.18
N VAL B 39 4.21 -6.37 -4.26
CA VAL B 39 3.42 -7.56 -4.21
C VAL B 39 4.36 -8.75 -4.34
N GLY B 40 4.32 -9.64 -3.33
CA GLY B 40 5.06 -10.88 -3.32
C GLY B 40 4.94 -11.70 -4.59
N ALA B 41 6.08 -12.04 -5.17
CA ALA B 41 6.15 -12.88 -6.37
C ALA B 41 5.36 -14.17 -6.23
N LYS B 42 5.49 -14.81 -5.07
CA LYS B 42 4.95 -16.15 -4.78
C LYS B 42 3.63 -16.15 -3.99
N THR B 43 3.56 -15.30 -2.97
CA THR B 43 2.42 -15.26 -2.04
C THR B 43 1.33 -14.30 -2.45
N GLY B 44 1.69 -13.23 -3.16
CA GLY B 44 0.75 -12.15 -3.44
C GLY B 44 0.49 -11.23 -2.25
N LYS B 45 1.31 -11.34 -1.20
CA LYS B 45 1.18 -10.51 -0.02
C LYS B 45 1.95 -9.22 -0.19
N LEU B 46 1.49 -8.20 0.53
CA LEU B 46 2.07 -6.87 0.47
C LEU B 46 3.34 -6.89 1.30
N ARG B 47 4.43 -6.38 0.75
CA ARG B 47 5.71 -6.33 1.46
C ARG B 47 6.16 -4.89 1.49
N LYS B 48 6.65 -4.46 2.66
CA LYS B 48 7.07 -3.12 2.92
C LYS B 48 8.58 -3.15 3.07
N THR B 49 9.27 -2.22 2.39
CA THR B 49 10.71 -2.22 2.29
C THR B 49 11.21 -0.79 2.35
N PRO B 50 11.91 -0.39 3.43
CA PRO B 50 12.58 0.90 3.46
C PRO B 50 13.79 0.89 2.55
N LEU B 51 13.95 1.94 1.74
CA LEU B 51 15.05 2.11 0.79
C LEU B 51 15.47 3.57 0.81
N MET B 52 16.68 3.84 0.31
CA MET B 52 17.16 5.20 0.25
C MET B 52 16.39 5.95 -0.80
N ARG B 53 16.12 7.24 -0.52
CA ARG B 53 15.45 8.13 -1.44
C ARG B 53 16.39 8.71 -2.48
N VAL B 54 16.11 8.41 -3.75
CA VAL B 54 16.82 8.91 -4.91
C VAL B 54 15.74 9.37 -5.85
N GLU B 55 15.68 10.68 -6.09
CA GLU B 55 14.60 11.31 -6.81
C GLU B 55 15.12 12.32 -7.84
N HIS B 56 14.42 12.42 -8.97
CA HIS B 56 14.71 13.45 -9.95
C HIS B 56 13.45 13.77 -10.74
N ASP B 57 13.00 15.02 -10.64
CA ASP B 57 11.84 15.54 -11.38
C ASP B 57 10.59 14.65 -11.34
N GLY B 58 10.24 14.16 -10.14
CA GLY B 58 9.02 13.39 -9.93
C GLY B 58 9.14 11.87 -10.09
N GLN B 59 10.24 11.43 -10.71
CA GLN B 59 10.64 10.03 -10.77
C GLN B 59 11.56 9.64 -9.62
N TYR B 60 11.45 8.39 -9.14
CA TYR B 60 12.37 7.88 -8.15
C TYR B 60 13.17 6.74 -8.73
N ALA B 61 14.35 6.53 -8.15
CA ALA B 61 15.16 5.37 -8.42
C ALA B 61 15.27 4.59 -7.10
N ILE B 62 15.27 3.27 -7.22
CA ILE B 62 15.52 2.40 -6.08
C ILE B 62 16.62 1.43 -6.47
N VAL B 63 17.47 1.13 -5.49
CA VAL B 63 18.69 0.35 -5.66
C VAL B 63 18.60 -0.95 -4.84
N ALA B 64 18.82 -2.10 -5.49
CA ALA B 64 18.76 -3.40 -4.83
C ALA B 64 20.15 -3.91 -4.34
N SER B 65 20.61 -3.34 -3.21
CA SER B 65 22.01 -3.36 -2.82
C SER B 65 22.23 -4.51 -1.86
N LEU B 66 21.54 -4.44 -0.71
CA LEU B 66 21.70 -5.37 0.41
C LEU B 66 23.17 -5.47 0.88
N GLY B 67 23.77 -4.33 1.26
CA GLY B 67 25.21 -4.21 1.40
C GLY B 67 25.83 -4.49 0.04
N GLY B 68 26.91 -5.26 0.02
CA GLY B 68 27.51 -5.69 -1.24
C GLY B 68 27.36 -7.18 -1.47
N ALA B 69 26.17 -7.71 -1.19
CA ALA B 69 25.97 -9.16 -1.09
C ALA B 69 26.09 -9.87 -2.43
N PRO B 70 26.34 -11.21 -2.43
CA PRO B 70 26.37 -11.97 -3.69
C PRO B 70 25.00 -12.02 -4.39
N LYS B 71 23.93 -12.06 -3.59
CA LYS B 71 22.57 -12.25 -4.06
C LYS B 71 21.71 -11.00 -3.85
N ASN B 72 20.81 -10.74 -4.82
CA ASN B 72 19.86 -9.66 -4.77
C ASN B 72 18.92 -9.79 -3.59
N PRO B 73 18.43 -8.68 -3.01
CA PRO B 73 17.34 -8.76 -2.05
C PRO B 73 16.13 -9.43 -2.70
N VAL B 74 15.33 -10.11 -1.87
CA VAL B 74 14.12 -10.82 -2.30
C VAL B 74 13.11 -9.89 -2.99
N TRP B 75 13.01 -8.65 -2.52
CA TRP B 75 12.06 -7.70 -3.09
C TRP B 75 12.34 -7.40 -4.54
N TYR B 76 13.60 -7.56 -4.98
CA TYR B 76 13.96 -7.39 -6.39
C TYR B 76 13.02 -8.24 -7.27
N HIS B 77 12.76 -9.48 -6.86
CA HIS B 77 11.92 -10.38 -7.65
C HIS B 77 10.46 -9.99 -7.66
N ASN B 78 10.02 -9.32 -6.59
CA ASN B 78 8.65 -8.86 -6.51
C ASN B 78 8.40 -7.77 -7.53
N VAL B 79 9.35 -6.82 -7.63
CA VAL B 79 9.26 -5.70 -8.56
C VAL B 79 9.29 -6.16 -10.03
N VAL B 80 10.17 -7.13 -10.32
CA VAL B 80 10.24 -7.68 -11.65
C VAL B 80 8.92 -8.31 -12.05
N LYS B 81 8.36 -9.16 -11.17
CA LYS B 81 7.12 -9.86 -11.47
C LYS B 81 5.90 -8.91 -11.45
N ASN B 82 5.89 -7.98 -10.51
CA ASN B 82 4.74 -7.08 -10.25
C ASN B 82 5.20 -5.62 -10.23
N PRO B 83 5.38 -4.99 -11.41
CA PRO B 83 6.05 -3.69 -11.51
C PRO B 83 5.27 -2.50 -10.98
N ARG B 84 3.99 -2.71 -10.66
CA ARG B 84 3.14 -1.72 -10.04
C ARG B 84 3.44 -1.75 -8.56
N VAL B 85 4.04 -0.66 -8.06
CA VAL B 85 4.45 -0.52 -6.69
C VAL B 85 3.90 0.75 -6.09
N GLU B 86 4.06 0.88 -4.77
CA GLU B 86 3.72 2.09 -4.05
C GLU B 86 4.99 2.58 -3.37
N LEU B 87 5.18 3.89 -3.38
CA LEU B 87 6.35 4.50 -2.78
C LEU B 87 5.82 5.63 -1.94
N GLN B 88 6.22 5.61 -0.66
CA GLN B 88 5.88 6.63 0.27
C GLN B 88 7.17 7.42 0.60
N ASP B 89 7.11 8.73 0.37
CA ASP B 89 8.20 9.67 0.63
C ASP B 89 7.69 10.63 1.70
N GLY B 90 8.03 10.35 2.96
CA GLY B 90 7.48 11.06 4.11
C GLY B 90 5.99 10.84 4.15
N THR B 91 5.23 11.92 4.28
CA THR B 91 3.76 11.86 4.35
C THR B 91 3.09 11.63 3.00
N VAL B 92 3.85 11.69 1.90
CA VAL B 92 3.33 11.62 0.55
C VAL B 92 3.46 10.21 0.01
N THR B 93 2.35 9.65 -0.49
CA THR B 93 2.28 8.30 -1.01
C THR B 93 1.73 8.35 -2.44
N GLY B 94 2.32 7.55 -3.33
CA GLY B 94 1.85 7.45 -4.70
C GLY B 94 2.04 6.07 -5.27
N ASP B 95 1.30 5.78 -6.35
CA ASP B 95 1.52 4.56 -7.12
C ASP B 95 2.45 4.85 -8.28
N TYR B 96 3.31 3.88 -8.59
CA TYR B 96 4.35 4.00 -9.59
C TYR B 96 4.51 2.71 -10.39
N ASP B 97 4.98 2.83 -11.63
CA ASP B 97 5.42 1.69 -12.45
C ASP B 97 6.94 1.67 -12.44
N ALA B 98 7.51 0.50 -12.15
CA ALA B 98 8.94 0.31 -11.98
C ALA B 98 9.51 -0.45 -13.15
N ARG B 99 10.69 -0.02 -13.59
CA ARG B 99 11.31 -0.48 -14.81
C ARG B 99 12.78 -0.55 -14.51
N GLU B 100 13.36 -1.73 -14.69
CA GLU B 100 14.79 -1.91 -14.45
C GLU B 100 15.54 -1.22 -15.58
N VAL B 101 16.61 -0.51 -15.24
CA VAL B 101 17.45 0.17 -16.22
C VAL B 101 18.83 -0.46 -16.30
N PHE B 102 19.47 -0.30 -17.46
CA PHE B 102 20.79 -0.89 -17.72
C PHE B 102 21.68 0.10 -18.43
N GLY B 103 22.96 -0.28 -18.60
CA GLY B 103 23.93 0.48 -19.37
C GLY B 103 23.97 1.96 -19.02
N ASP B 104 24.00 2.81 -20.06
CA ASP B 104 24.17 4.25 -19.89
C ASP B 104 23.03 4.91 -19.11
N GLU B 105 21.79 4.47 -19.36
CA GLU B 105 20.64 4.98 -18.62
C GLU B 105 20.76 4.70 -17.11
N LYS B 106 21.25 3.50 -16.77
CA LYS B 106 21.48 3.11 -15.37
C LYS B 106 22.55 3.97 -14.73
N ALA B 107 23.67 4.16 -15.45
CA ALA B 107 24.81 4.93 -14.95
C ALA B 107 24.40 6.34 -14.51
N ILE B 108 23.40 6.92 -15.18
CA ILE B 108 22.87 8.23 -14.82
C ILE B 108 22.26 8.20 -13.45
N TRP B 109 21.33 7.26 -13.24
CA TRP B 109 20.65 7.09 -11.95
C TRP B 109 21.59 6.60 -10.84
N TRP B 110 22.55 5.75 -11.22
CA TRP B 110 23.56 5.26 -10.29
C TRP B 110 24.35 6.42 -9.69
N GLN B 111 24.72 7.40 -10.52
CA GLN B 111 25.43 8.59 -10.06
C GLN B 111 24.55 9.41 -9.07
N ARG B 112 23.27 9.58 -9.39
CA ARG B 112 22.35 10.31 -8.51
C ARG B 112 22.17 9.63 -7.15
N ALA B 113 22.17 8.30 -7.16
CA ALA B 113 22.06 7.48 -5.96
C ALA B 113 23.30 7.57 -5.07
N VAL B 114 24.48 7.52 -5.69
CA VAL B 114 25.74 7.64 -4.99
C VAL B 114 25.88 9.03 -4.33
N ALA B 115 25.36 10.06 -4.99
CA ALA B 115 25.30 11.42 -4.44
C ALA B 115 24.52 11.47 -3.13
N VAL B 116 23.43 10.70 -3.04
CA VAL B 116 22.63 10.60 -1.82
C VAL B 116 23.27 9.67 -0.77
N TRP B 117 23.86 8.56 -1.23
CA TRP B 117 24.34 7.48 -0.37
C TRP B 117 25.66 6.91 -0.87
N PRO B 118 26.82 7.54 -0.55
CA PRO B 118 28.10 7.16 -1.15
C PRO B 118 28.48 5.69 -0.99
N ASP B 119 28.05 5.06 0.09
CA ASP B 119 28.31 3.64 0.34
C ASP B 119 27.89 2.69 -0.82
N TYR B 120 26.90 3.09 -1.61
CA TYR B 120 26.50 2.32 -2.80
C TYR B 120 27.72 1.97 -3.67
N ALA B 121 28.61 2.93 -3.88
CA ALA B 121 29.82 2.74 -4.69
C ALA B 121 30.66 1.61 -4.12
N SER B 122 30.82 1.63 -2.80
CA SER B 122 31.62 0.66 -2.08
C SER B 122 30.96 -0.73 -2.15
N TYR B 123 29.64 -0.77 -2.04
CA TYR B 123 28.88 -2.00 -2.17
C TYR B 123 29.20 -2.70 -3.51
N GLN B 124 29.26 -1.92 -4.60
CA GLN B 124 29.47 -2.47 -5.94
C GLN B 124 30.87 -3.07 -6.14
N THR B 125 31.87 -2.50 -5.44
CA THR B 125 33.23 -3.02 -5.50
C THR B 125 33.42 -4.31 -4.69
N LYS B 126 32.45 -4.64 -3.83
CA LYS B 126 32.48 -5.88 -3.03
C LYS B 126 31.94 -7.12 -3.77
N THR B 127 31.46 -6.96 -5.01
CA THR B 127 30.72 -8.02 -5.72
C THR B 127 30.73 -7.88 -7.25
N ASP B 128 30.82 -9.03 -7.94
CA ASP B 128 30.70 -9.14 -9.39
C ASP B 128 29.27 -9.03 -9.89
N ARG B 129 28.29 -9.30 -9.01
CA ARG B 129 26.87 -9.11 -9.31
C ARG B 129 26.61 -7.62 -9.49
N GLN B 130 26.00 -7.27 -10.64
CA GLN B 130 25.72 -5.90 -10.99
C GLN B 130 24.46 -5.44 -10.27
N ILE B 131 24.62 -4.44 -9.39
CA ILE B 131 23.56 -4.05 -8.48
C ILE B 131 22.39 -3.47 -9.26
N PRO B 132 21.20 -4.08 -9.23
CA PRO B 132 20.05 -3.57 -9.96
C PRO B 132 19.57 -2.20 -9.51
N VAL B 133 19.01 -1.45 -10.47
CA VAL B 133 18.40 -0.15 -10.25
C VAL B 133 17.10 -0.12 -11.06
N PHE B 134 16.02 0.33 -10.42
CA PHE B 134 14.74 0.54 -11.08
C PHE B 134 14.43 2.04 -11.07
N VAL B 135 13.75 2.50 -12.14
CA VAL B 135 13.24 3.85 -12.21
C VAL B 135 11.73 3.76 -12.12
N LEU B 136 11.16 4.57 -11.23
CA LEU B 136 9.74 4.54 -10.91
C LEU B 136 9.07 5.78 -11.44
N THR B 137 8.00 5.57 -12.21
CA THR B 137 7.28 6.63 -12.88
C THR B 137 5.86 6.69 -12.31
N PRO B 138 5.37 7.88 -11.88
CA PRO B 138 4.03 7.99 -11.34
C PRO B 138 3.02 7.53 -12.37
N VAL B 139 1.95 6.86 -11.94
CA VAL B 139 0.84 6.51 -12.82
C VAL B 139 -0.04 7.74 -13.01
N ARG B 140 -0.58 7.92 -14.22
CA ARG B 140 -1.18 9.18 -14.65
C ARG B 140 -2.53 8.93 -15.29
#